data_3WBP
#
_entry.id   3WBP
#
_cell.length_a   82.115
_cell.length_b   82.115
_cell.length_c   44.732
_cell.angle_alpha   90.00
_cell.angle_beta   90.00
_cell.angle_gamma   90.00
#
_symmetry.space_group_name_H-M   'P 42'
#
loop_
_entity.id
_entity.type
_entity.pdbx_description
1 polymer 'C-type lectin domain family 4 member C'
2 non-polymer 1,2-ETHANEDIOL
3 water water
#
_entity_poly.entity_id   1
_entity_poly.type   'polypeptide(L)'
_entity_poly.pdbx_seq_one_letter_code
;MNHKVHHHHHHIEGRHMENLYFQGSCPTPWTSFQSSCYFISTGMQSWTKSQKNCSVMGADLVVINTREEQDFIIQNLKRN
SSYFLGLSDPGGRRHWQWVDQTPYNENVTFWHSGEPNNLDERCAIINFRSSEEWGWNDIHCHVPQKSICKMKK
;
_entity_poly.pdbx_strand_id   A,B
#
loop_
_chem_comp.id
_chem_comp.type
_chem_comp.name
_chem_comp.formula
EDO non-polymer 1,2-ETHANEDIOL 'C2 H6 O2'
#
# COMPACT_ATOMS: atom_id res chain seq x y z
N SER A 25 -40.68 0.85 6.96
CA SER A 25 -40.77 1.92 5.91
C SER A 25 -39.72 1.74 4.80
N CYS A 26 -38.86 0.74 4.94
CA CYS A 26 -37.93 0.36 3.87
C CYS A 26 -38.69 -0.36 2.76
N PRO A 27 -38.17 -0.36 1.52
CA PRO A 27 -38.78 -1.19 0.48
C PRO A 27 -38.87 -2.65 0.93
N THR A 28 -39.86 -3.38 0.43
CA THR A 28 -40.18 -4.73 0.94
C THR A 28 -38.96 -5.66 1.07
N PRO A 29 -38.10 -5.76 0.04
CA PRO A 29 -36.99 -6.70 0.17
C PRO A 29 -35.86 -6.22 1.10
N TRP A 30 -36.05 -5.09 1.78
CA TRP A 30 -35.04 -4.53 2.67
C TRP A 30 -35.41 -4.65 4.12
N THR A 31 -34.41 -4.72 5.00
CA THR A 31 -34.64 -4.78 6.45
C THR A 31 -34.14 -3.48 7.10
N SER A 32 -34.89 -3.00 8.10
CA SER A 32 -34.56 -1.75 8.77
C SER A 32 -33.80 -1.96 10.07
N PHE A 33 -32.83 -1.08 10.31
CA PHE A 33 -32.13 -1.03 11.60
C PHE A 33 -31.72 0.41 11.84
N GLN A 34 -32.11 0.92 13.01
CA GLN A 34 -32.00 2.35 13.33
C GLN A 34 -32.65 3.15 12.20
N SER A 35 -31.92 4.11 11.64
CA SER A 35 -32.43 4.90 10.52
C SER A 35 -31.74 4.53 9.21
N SER A 36 -31.57 3.23 9.00
CA SER A 36 -30.99 2.73 7.76
C SER A 36 -31.77 1.51 7.25
N CYS A 37 -31.69 1.28 5.94
CA CYS A 37 -32.27 0.10 5.30
C CYS A 37 -31.16 -0.78 4.71
N TYR A 38 -31.27 -2.09 4.90
CA TYR A 38 -30.24 -3.03 4.45
C TYR A 38 -30.78 -4.06 3.46
N PHE A 39 -29.96 -4.36 2.45
CA PHE A 39 -30.29 -5.35 1.42
C PHE A 39 -29.19 -6.40 1.37
N ILE A 40 -29.59 -7.66 1.47
CA ILE A 40 -28.65 -8.76 1.37
C ILE A 40 -28.79 -9.37 -0.03
N SER A 41 -27.73 -9.29 -0.81
CA SER A 41 -27.81 -9.74 -2.19
C SER A 41 -27.88 -11.26 -2.23
N THR A 42 -28.41 -11.78 -3.32
CA THR A 42 -28.39 -13.22 -3.56
C THR A 42 -27.36 -13.54 -4.64
N GLY A 43 -27.12 -12.56 -5.52
CA GLY A 43 -26.18 -12.70 -6.62
C GLY A 43 -24.73 -12.52 -6.24
N MET A 44 -23.85 -13.08 -7.07
CA MET A 44 -22.41 -12.98 -6.90
C MET A 44 -21.77 -12.17 -8.02
N GLN A 45 -21.15 -11.05 -7.66
CA GLN A 45 -20.50 -10.17 -8.63
C GLN A 45 -19.26 -9.55 -8.02
N SER A 46 -18.41 -8.94 -8.86
CA SER A 46 -17.22 -8.23 -8.39
C SER A 46 -17.60 -7.09 -7.45
N TRP A 47 -16.62 -6.55 -6.73
CA TRP A 47 -16.85 -5.45 -5.81
C TRP A 47 -17.43 -4.25 -6.52
N THR A 48 -16.84 -3.89 -7.67
CA THR A 48 -17.25 -2.73 -8.46
C THR A 48 -18.68 -2.87 -8.97
N LYS A 49 -19.00 -4.06 -9.47
CA LYS A 49 -20.36 -4.31 -9.94
C LYS A 49 -21.37 -4.39 -8.80
N SER A 50 -20.94 -4.90 -7.64
CA SER A 50 -21.77 -4.92 -6.44
C SER A 50 -22.06 -3.51 -5.93
N GLN A 51 -21.04 -2.65 -5.93
CA GLN A 51 -21.23 -1.23 -5.57
C GLN A 51 -22.18 -0.53 -6.55
N LYS A 52 -22.02 -0.79 -7.84
CA LYS A 52 -22.92 -0.26 -8.86
C LYS A 52 -24.37 -0.73 -8.63
N ASN A 53 -24.54 -2.02 -8.33
CA ASN A 53 -25.85 -2.57 -8.00
C ASN A 53 -26.49 -1.89 -6.79
N CYS A 54 -25.71 -1.63 -5.74
CA CYS A 54 -26.20 -0.86 -4.60
C CYS A 54 -26.57 0.57 -5.03
N SER A 55 -25.72 1.17 -5.85
CA SER A 55 -25.85 2.58 -6.26
C SER A 55 -27.17 2.89 -6.96
N VAL A 56 -27.55 2.04 -7.91
CA VAL A 56 -28.78 2.27 -8.69
C VAL A 56 -30.04 2.14 -7.82
N MET A 57 -29.88 1.54 -6.64
CA MET A 57 -30.98 1.39 -5.70
C MET A 57 -30.97 2.51 -4.66
N GLY A 58 -30.08 3.48 -4.86
CA GLY A 58 -29.88 4.60 -3.94
C GLY A 58 -29.11 4.24 -2.67
N ALA A 59 -28.20 3.28 -2.79
CA ALA A 59 -27.48 2.75 -1.64
C ALA A 59 -25.96 2.64 -1.91
N ASP A 60 -25.23 2.19 -0.91
CA ASP A 60 -23.80 1.88 -1.02
C ASP A 60 -23.56 0.48 -0.49
N LEU A 61 -22.44 -0.13 -0.88
CA LEU A 61 -21.98 -1.31 -0.16
C LEU A 61 -21.86 -0.91 1.31
N VAL A 62 -22.14 -1.85 2.20
CA VAL A 62 -22.31 -1.55 3.63
C VAL A 62 -21.06 -0.98 4.32
N VAL A 63 -21.26 0.12 5.04
CA VAL A 63 -20.24 0.72 5.90
C VAL A 63 -20.63 0.43 7.35
N ILE A 64 -19.76 -0.27 8.07
CA ILE A 64 -20.06 -0.69 9.44
C ILE A 64 -19.45 0.32 10.41
N ASN A 65 -20.31 1.14 10.99
CA ASN A 65 -19.91 2.25 11.84
C ASN A 65 -19.80 1.87 13.30
N THR A 66 -20.66 0.96 13.75
CA THR A 66 -20.78 0.60 15.15
C THR A 66 -20.82 -0.92 15.35
N ARG A 67 -20.63 -1.33 16.60
CA ARG A 67 -20.70 -2.73 17.00
C ARG A 67 -22.12 -3.29 16.88
N GLU A 68 -23.12 -2.47 17.16
CA GLU A 68 -24.54 -2.88 17.08
C GLU A 68 -24.92 -3.14 15.63
N GLU A 69 -24.38 -2.32 14.73
CA GLU A 69 -24.58 -2.47 13.28
C GLU A 69 -23.99 -3.80 12.77
N GLN A 70 -22.77 -4.12 13.21
CA GLN A 70 -22.12 -5.40 12.89
C GLN A 70 -22.95 -6.58 13.39
N ASP A 71 -23.47 -6.46 14.61
CA ASP A 71 -24.31 -7.50 15.22
C ASP A 71 -25.64 -7.68 14.48
N PHE A 72 -26.25 -6.57 14.07
CA PHE A 72 -27.49 -6.64 13.29
C PHE A 72 -27.25 -7.31 11.94
N ILE A 73 -26.19 -6.87 11.25
CA ILE A 73 -25.81 -7.44 9.96
C ILE A 73 -25.65 -8.96 10.08
N ILE A 74 -24.82 -9.43 11.02
CA ILE A 74 -24.55 -10.87 11.15
C ILE A 74 -25.78 -11.71 11.49
N GLN A 75 -26.78 -11.07 12.12
CA GLN A 75 -28.04 -11.75 12.41
C GLN A 75 -28.88 -11.94 11.15
N ASN A 76 -28.57 -11.16 10.10
CA ASN A 76 -29.27 -11.26 8.82
C ASN A 76 -28.48 -11.92 7.67
N LEU A 77 -27.34 -12.52 8.01
CA LEU A 77 -26.53 -13.22 7.01
C LEU A 77 -26.64 -14.74 7.16
N LYS A 78 -26.21 -15.46 6.13
CA LYS A 78 -26.20 -16.92 6.15
C LYS A 78 -24.77 -17.39 6.41
N ARG A 79 -24.60 -18.34 7.34
CA ARG A 79 -23.28 -18.80 7.77
C ARG A 79 -22.44 -19.42 6.67
N ASN A 80 -23.10 -19.90 5.61
CA ASN A 80 -22.39 -20.51 4.49
C ASN A 80 -22.09 -19.53 3.35
N SER A 81 -22.15 -18.23 3.66
CA SER A 81 -22.04 -17.20 2.64
C SER A 81 -20.99 -16.13 2.96
N SER A 82 -20.43 -15.56 1.91
CA SER A 82 -19.42 -14.50 2.03
C SER A 82 -19.85 -13.28 1.22
N TYR A 83 -19.72 -12.10 1.83
CA TYR A 83 -20.30 -10.87 1.27
C TYR A 83 -19.31 -9.72 1.24
N PHE A 84 -19.29 -8.98 0.13
CA PHE A 84 -18.51 -7.74 0.06
C PHE A 84 -19.02 -6.68 1.05
N LEU A 85 -18.07 -6.01 1.68
CA LEU A 85 -18.33 -4.81 2.49
C LEU A 85 -17.93 -3.60 1.68
N GLY A 86 -18.38 -2.41 2.09
CA GLY A 86 -18.02 -1.16 1.41
C GLY A 86 -16.67 -0.65 1.87
N LEU A 87 -15.71 -1.56 1.98
CA LEU A 87 -14.39 -1.28 2.53
C LEU A 87 -13.37 -1.80 1.53
N SER A 88 -12.45 -0.93 1.11
CA SER A 88 -11.46 -1.31 0.11
C SER A 88 -10.20 -0.44 0.18
N ASP A 89 -9.17 -0.90 -0.51
CA ASP A 89 -7.97 -0.11 -0.79
C ASP A 89 -7.91 0.06 -2.30
N PRO A 90 -8.07 1.30 -2.81
CA PRO A 90 -8.04 1.53 -4.26
C PRO A 90 -6.66 1.31 -4.88
N GLY A 91 -5.63 1.17 -4.05
CA GLY A 91 -4.26 0.99 -4.52
C GLY A 91 -3.73 2.31 -5.07
N GLY A 92 -2.89 2.23 -6.09
CA GLY A 92 -2.26 3.41 -6.66
C GLY A 92 -0.87 3.64 -6.09
N ARG A 93 -0.62 4.85 -5.62
CA ARG A 93 0.71 5.23 -5.15
C ARG A 93 1.08 4.57 -3.83
N ARG A 94 2.31 4.08 -3.73
CA ARG A 94 2.85 3.55 -2.48
C ARG A 94 3.27 4.71 -1.58
N HIS A 95 3.32 4.45 -0.27
CA HIS A 95 3.80 5.43 0.70
C HIS A 95 5.29 5.32 0.91
N TRP A 96 6.04 5.79 -0.07
CA TRP A 96 7.52 5.75 -0.07
C TRP A 96 8.10 6.52 1.07
N GLN A 97 9.20 6.01 1.62
CA GLN A 97 9.90 6.63 2.75
C GLN A 97 11.39 6.64 2.50
N TRP A 98 12.05 7.73 2.88
CA TRP A 98 13.51 7.79 2.86
C TRP A 98 14.03 7.14 4.10
N VAL A 99 15.20 6.51 4.01
CA VAL A 99 15.70 5.68 5.09
C VAL A 99 16.04 6.49 6.36
N ASP A 100 16.39 7.78 6.18
CA ASP A 100 16.76 8.64 7.30
C ASP A 100 15.59 9.52 7.77
N GLN A 101 14.38 9.14 7.39
CA GLN A 101 13.15 9.84 7.77
C GLN A 101 13.00 11.26 7.20
N THR A 102 13.81 11.60 6.19
CA THR A 102 13.57 12.78 5.38
C THR A 102 12.17 12.61 4.76
N PRO A 103 11.31 13.66 4.86
CA PRO A 103 10.00 13.54 4.24
C PRO A 103 10.10 13.24 2.73
N TYR A 104 9.33 12.26 2.28
CA TYR A 104 9.25 11.96 0.87
C TYR A 104 8.28 12.95 0.22
N ASN A 105 8.76 13.67 -0.80
CA ASN A 105 7.90 14.56 -1.57
C ASN A 105 7.87 14.15 -3.03
N GLU A 106 6.70 13.66 -3.46
CA GLU A 106 6.51 13.16 -4.83
C GLU A 106 6.80 14.19 -5.94
N ASN A 107 6.69 15.48 -5.62
CA ASN A 107 6.91 16.53 -6.62
C ASN A 107 8.37 16.79 -6.96
N VAL A 108 9.29 16.25 -6.16
CA VAL A 108 10.72 16.41 -6.41
C VAL A 108 11.43 15.05 -6.53
N THR A 109 10.87 14.18 -7.36
CA THR A 109 11.40 12.84 -7.57
C THR A 109 11.96 12.71 -8.98
N PHE A 110 12.67 11.61 -9.25
CA PHE A 110 13.25 11.36 -10.57
C PHE A 110 12.86 9.98 -11.12
N TRP A 111 11.63 9.54 -10.85
CA TRP A 111 11.14 8.27 -11.39
C TRP A 111 11.19 8.28 -12.89
N HIS A 112 11.62 7.16 -13.46
CA HIS A 112 11.52 6.93 -14.91
C HIS A 112 10.08 7.07 -15.32
N SER A 113 9.83 7.35 -16.60
CA SER A 113 8.46 7.46 -17.09
C SER A 113 7.68 6.17 -16.88
N GLY A 114 6.48 6.28 -16.34
CA GLY A 114 5.64 5.13 -16.06
C GLY A 114 6.00 4.41 -14.76
N GLU A 115 6.91 5.00 -14.00
CA GLU A 115 7.33 4.45 -12.72
C GLU A 115 6.96 5.37 -11.57
N PRO A 116 6.77 4.81 -10.34
CA PRO A 116 6.84 3.38 -10.01
C PRO A 116 5.53 2.66 -10.32
N ASN A 117 5.54 1.33 -10.19
CA ASN A 117 4.35 0.51 -10.42
C ASN A 117 3.25 0.90 -9.44
N ASN A 118 2.02 0.93 -9.93
CA ASN A 118 0.88 1.13 -9.05
C ASN A 118 0.65 -0.09 -8.16
N LEU A 119 0.33 0.18 -6.90
CA LEU A 119 -0.12 -0.84 -5.97
C LEU A 119 -1.49 -1.34 -6.41
N ASP A 120 -1.68 -2.66 -6.33
CA ASP A 120 -2.95 -3.27 -6.73
C ASP A 120 -4.06 -3.03 -5.69
N GLU A 121 -5.30 -2.97 -6.18
CA GLU A 121 -6.49 -2.82 -5.34
C GLU A 121 -6.71 -4.02 -4.43
N ARG A 122 -7.45 -3.82 -3.35
CA ARG A 122 -7.87 -4.92 -2.48
C ARG A 122 -9.23 -4.59 -1.84
N CYS A 123 -10.03 -5.62 -1.56
CA CYS A 123 -11.40 -5.41 -1.08
C CYS A 123 -11.67 -6.27 0.15
N ALA A 124 -12.68 -5.93 0.95
CA ALA A 124 -12.96 -6.66 2.18
C ALA A 124 -14.28 -7.43 2.08
N ILE A 125 -14.32 -8.61 2.72
CA ILE A 125 -15.54 -9.40 2.84
C ILE A 125 -15.84 -9.74 4.30
N ILE A 126 -17.11 -9.98 4.59
CA ILE A 126 -17.51 -10.56 5.85
C ILE A 126 -17.97 -12.00 5.63
N ASN A 127 -17.45 -12.92 6.44
CA ASN A 127 -17.87 -14.32 6.41
C ASN A 127 -17.64 -15.02 7.74
N PHE A 128 -18.09 -16.27 7.81
CA PHE A 128 -18.10 -17.03 9.05
C PHE A 128 -17.01 -18.10 9.05
N ARG A 129 -16.20 -18.10 10.10
CA ARG A 129 -15.25 -19.18 10.35
C ARG A 129 -15.69 -19.97 11.58
N SER A 130 -15.45 -21.27 11.57
CA SER A 130 -15.69 -22.11 12.75
C SER A 130 -14.77 -21.66 13.89
N SER A 131 -15.38 -21.11 14.94
CA SER A 131 -14.69 -20.52 16.11
C SER A 131 -14.00 -19.19 15.80
N GLU A 133 -15.75 -16.82 14.82
CA GLU A 133 -17.08 -16.86 14.19
C GLU A 133 -17.15 -15.87 13.01
N TRP A 134 -17.96 -14.82 13.14
CA TRP A 134 -18.07 -13.79 12.10
C TRP A 134 -16.94 -12.80 12.14
N GLY A 135 -16.44 -12.40 10.97
CA GLY A 135 -15.33 -11.45 10.87
C GLY A 135 -14.98 -11.06 9.44
N TRP A 136 -14.03 -10.14 9.29
CA TRP A 136 -13.67 -9.65 7.97
C TRP A 136 -12.41 -10.27 7.45
N ASN A 137 -12.35 -10.40 6.12
CA ASN A 137 -11.15 -10.85 5.42
C ASN A 137 -10.90 -9.98 4.19
N ASP A 138 -9.65 -9.89 3.75
CA ASP A 138 -9.32 -9.18 2.52
C ASP A 138 -9.32 -10.14 1.34
N ILE A 139 -9.56 -9.60 0.13
CA ILE A 139 -9.78 -10.44 -1.04
C ILE A 139 -9.56 -9.63 -2.34
N HIS A 140 -9.26 -10.32 -3.44
CA HIS A 140 -9.17 -9.67 -4.75
C HIS A 140 -10.50 -9.07 -5.11
N CYS A 141 -10.49 -7.85 -5.63
CA CYS A 141 -11.74 -7.12 -5.92
C CYS A 141 -12.57 -7.70 -7.07
N HIS A 142 -11.95 -8.48 -7.95
CA HIS A 142 -12.67 -9.04 -9.10
C HIS A 142 -13.32 -10.37 -8.88
N VAL A 143 -13.16 -10.95 -7.70
CA VAL A 143 -13.81 -12.23 -7.36
C VAL A 143 -15.32 -11.97 -7.18
N PRO A 144 -16.18 -12.85 -7.74
CA PRO A 144 -17.62 -12.74 -7.47
C PRO A 144 -17.95 -13.14 -6.03
N GLN A 145 -18.59 -12.24 -5.29
CA GLN A 145 -19.07 -12.53 -3.95
C GLN A 145 -20.49 -11.98 -3.84
N LYS A 146 -21.23 -12.42 -2.83
CA LYS A 146 -22.50 -11.77 -2.51
C LYS A 146 -22.15 -10.41 -1.91
N SER A 147 -23.16 -9.61 -1.57
CA SER A 147 -22.88 -8.26 -1.07
C SER A 147 -23.98 -7.77 -0.16
N ILE A 148 -23.67 -6.73 0.60
CA ILE A 148 -24.64 -6.09 1.49
C ILE A 148 -24.72 -4.62 1.11
N CYS A 149 -25.95 -4.14 0.89
CA CYS A 149 -26.16 -2.72 0.60
C CYS A 149 -26.81 -2.05 1.79
N LYS A 150 -26.46 -0.78 2.01
CA LYS A 150 -27.06 0.05 3.03
C LYS A 150 -27.62 1.32 2.40
N MET A 151 -28.89 1.57 2.67
CA MET A 151 -29.61 2.73 2.17
C MET A 151 -29.92 3.65 3.35
N LYS A 152 -29.60 4.93 3.20
CA LYS A 152 -29.93 5.94 4.20
C LYS A 152 -31.40 6.34 4.04
N LYS A 153 -32.17 6.28 5.12
CA LYS A 153 -33.60 6.61 5.05
C LYS A 153 -33.91 7.99 5.62
N SER B 25 38.22 15.36 2.70
CA SER B 25 38.38 14.79 4.07
C SER B 25 37.56 13.51 4.26
N CYS B 26 36.93 13.03 3.20
CA CYS B 26 36.26 11.73 3.21
C CYS B 26 37.31 10.61 3.21
N PRO B 27 36.96 9.41 3.75
CA PRO B 27 37.87 8.26 3.58
C PRO B 27 38.20 8.05 2.10
N THR B 28 39.35 7.45 1.82
CA THR B 28 39.89 7.36 0.45
C THR B 28 38.91 6.81 -0.59
N PRO B 29 38.22 5.69 -0.28
CA PRO B 29 37.32 5.14 -1.31
C PRO B 29 36.03 5.95 -1.53
N TRP B 30 35.89 7.09 -0.84
CA TRP B 30 34.69 7.91 -0.90
C TRP B 30 34.89 9.21 -1.65
N THR B 31 33.81 9.74 -2.22
CA THR B 31 33.85 11.01 -2.95
C THR B 31 33.00 12.05 -2.22
N SER B 32 33.51 13.28 -2.13
CA SER B 32 32.81 14.35 -1.41
C SER B 32 31.96 15.22 -2.32
N PHE B 33 30.81 15.63 -1.82
CA PHE B 33 29.95 16.62 -2.46
C PHE B 33 29.22 17.38 -1.37
N GLN B 34 29.28 18.71 -1.46
CA GLN B 34 28.83 19.59 -0.38
C GLN B 34 29.48 19.12 0.94
N SER B 35 28.67 18.85 1.96
CA SER B 35 29.20 18.35 3.23
C SER B 35 28.81 16.90 3.48
N SER B 36 28.85 16.10 2.42
CA SER B 36 28.60 14.66 2.52
C SER B 36 29.67 13.85 1.80
N CYS B 37 29.82 12.59 2.22
CA CYS B 37 30.72 11.63 1.55
C CYS B 37 29.90 10.49 0.95
N TYR B 38 30.24 10.10 -0.28
CA TYR B 38 29.49 9.06 -1.00
C TYR B 38 30.36 7.85 -1.37
N PHE B 39 29.75 6.67 -1.28
CA PHE B 39 30.42 5.41 -1.58
C PHE B 39 29.60 4.66 -2.61
N ILE B 40 30.22 4.31 -3.73
CA ILE B 40 29.57 3.51 -4.76
C ILE B 40 30.03 2.07 -4.60
N SER B 41 29.09 1.20 -4.25
CA SER B 41 29.43 -0.20 -3.98
C SER B 41 29.81 -0.88 -5.29
N THR B 42 30.55 -1.97 -5.18
CA THR B 42 30.82 -2.80 -6.35
C THR B 42 30.09 -4.13 -6.24
N GLY B 43 29.75 -4.51 -5.00
CA GLY B 43 29.03 -5.74 -4.72
C GLY B 43 27.52 -5.64 -4.92
N MET B 44 26.90 -6.79 -5.14
CA MET B 44 25.46 -6.89 -5.30
C MET B 44 24.83 -7.65 -4.13
N GLN B 45 23.93 -6.97 -3.43
CA GLN B 45 23.26 -7.54 -2.25
C GLN B 45 21.85 -7.00 -2.18
N SER B 46 21.00 -7.65 -1.37
CA SER B 46 19.64 -7.18 -1.13
C SER B 46 19.64 -5.77 -0.54
N TRP B 47 18.47 -5.13 -0.52
CA TRP B 47 18.33 -3.79 0.04
C TRP B 47 18.74 -3.75 1.50
N THR B 48 18.23 -4.72 2.27
CA THR B 48 18.49 -4.79 3.71
C THR B 48 19.97 -5.01 4.00
N LYS B 49 20.60 -5.90 3.25
CA LYS B 49 22.04 -6.14 3.44
C LYS B 49 22.89 -4.96 2.95
N SER B 50 22.42 -4.28 1.90
CA SER B 50 23.07 -3.05 1.41
C SER B 50 23.00 -1.92 2.45
N GLN B 51 21.83 -1.75 3.08
CA GLN B 51 21.68 -0.77 4.16
C GLN B 51 22.57 -1.11 5.36
N LYS B 52 22.62 -2.39 5.73
CA LYS B 52 23.54 -2.85 6.78
C LYS B 52 25.00 -2.52 6.45
N ASN B 53 25.40 -2.81 5.21
CA ASN B 53 26.75 -2.48 4.74
C ASN B 53 27.07 -0.99 4.84
N CYS B 54 26.11 -0.13 4.47
CA CYS B 54 26.27 1.31 4.67
C CYS B 54 26.38 1.63 6.16
N SER B 55 25.53 0.99 6.96
CA SER B 55 25.41 1.28 8.38
C SER B 55 26.71 1.10 9.16
N VAL B 56 27.40 -0.02 8.93
CA VAL B 56 28.64 -0.33 9.66
C VAL B 56 29.78 0.62 9.29
N MET B 57 29.60 1.36 8.20
CA MET B 57 30.57 2.35 7.74
C MET B 57 30.18 3.76 8.21
N GLY B 58 29.14 3.83 9.04
CA GLY B 58 28.60 5.10 9.54
C GLY B 58 27.77 5.86 8.54
N ALA B 59 27.12 5.13 7.62
CA ALA B 59 26.38 5.74 6.52
C ALA B 59 24.98 5.12 6.38
N ASP B 60 24.21 5.65 5.43
CA ASP B 60 22.91 5.11 5.03
C ASP B 60 22.91 4.91 3.53
N LEU B 61 21.99 4.08 3.03
CA LEU B 61 21.71 4.09 1.60
C LEU B 61 21.32 5.51 1.24
N VAL B 62 21.69 5.94 0.03
CA VAL B 62 21.60 7.34 -0.37
C VAL B 62 20.17 7.92 -0.36
N VAL B 63 20.05 9.09 0.28
CA VAL B 63 18.82 9.88 0.28
C VAL B 63 19.07 11.10 -0.61
N ILE B 64 18.28 11.24 -1.67
CA ILE B 64 18.49 12.29 -2.65
C ILE B 64 17.55 13.46 -2.35
N ASN B 65 18.13 14.50 -1.77
CA ASN B 65 17.39 15.67 -1.27
C ASN B 65 17.17 16.73 -2.33
N THR B 66 18.16 16.89 -3.21
CA THR B 66 18.16 17.99 -4.18
C THR B 66 18.52 17.49 -5.57
N ARG B 67 18.23 18.33 -6.57
CA ARG B 67 18.56 18.08 -7.97
C ARG B 67 20.08 18.05 -8.21
N GLU B 68 20.82 18.85 -7.44
CA GLU B 68 22.28 18.92 -7.53
C GLU B 68 22.91 17.63 -7.05
N GLU B 69 22.32 17.07 -5.99
CA GLU B 69 22.72 15.78 -5.45
C GLU B 69 22.51 14.65 -6.45
N GLN B 70 21.34 14.61 -7.10
CA GLN B 70 21.04 13.63 -8.13
C GLN B 70 22.05 13.73 -9.29
N ASP B 71 22.37 14.96 -9.69
CA ASP B 71 23.32 15.21 -10.76
C ASP B 71 24.74 14.77 -10.39
N PHE B 72 25.16 15.03 -9.16
CA PHE B 72 26.47 14.59 -8.68
C PHE B 72 26.54 13.07 -8.66
N ILE B 73 25.51 12.44 -8.11
CA ILE B 73 25.45 10.97 -8.06
C ILE B 73 25.61 10.35 -9.45
N ILE B 74 24.79 10.78 -10.42
CA ILE B 74 24.84 10.20 -11.76
C ILE B 74 26.16 10.43 -12.51
N GLN B 75 26.93 11.42 -12.06
CA GLN B 75 28.27 11.63 -12.62
C GLN B 75 29.27 10.64 -12.04
N ASN B 76 28.89 9.98 -10.95
CA ASN B 76 29.74 8.97 -10.30
C ASN B 76 29.26 7.53 -10.48
N LEU B 77 28.25 7.33 -11.33
CA LEU B 77 27.72 5.98 -11.59
C LEU B 77 28.13 5.47 -12.96
N LYS B 78 28.02 4.15 -13.14
CA LYS B 78 28.30 3.51 -14.42
C LYS B 78 26.97 3.23 -15.13
N ARG B 79 26.89 3.61 -16.40
CA ARG B 79 25.66 3.49 -17.20
C ARG B 79 25.15 2.06 -17.34
N ASN B 80 26.04 1.09 -17.18
CA ASN B 80 25.66 -0.31 -17.28
C ASN B 80 25.26 -0.93 -15.92
N SER B 81 25.00 -0.09 -14.94
CA SER B 81 24.78 -0.55 -13.56
C SER B 81 23.51 -0.01 -12.92
N SER B 82 23.00 -0.78 -11.97
CA SER B 82 21.78 -0.44 -11.24
C SER B 82 22.03 -0.49 -9.73
N TYR B 83 21.57 0.53 -9.01
CA TYR B 83 21.95 0.73 -7.62
C TYR B 83 20.76 1.00 -6.73
N PHE B 84 20.71 0.35 -5.57
CA PHE B 84 19.69 0.67 -4.56
C PHE B 84 19.84 2.11 -4.04
N LEU B 85 18.70 2.77 -3.87
CA LEU B 85 18.58 4.05 -3.18
C LEU B 85 18.04 3.77 -1.78
N GLY B 86 18.18 4.74 -0.87
CA GLY B 86 17.64 4.62 0.49
C GLY B 86 16.16 4.99 0.52
N LEU B 87 15.43 4.50 -0.47
CA LEU B 87 14.00 4.82 -0.65
C LEU B 87 13.25 3.50 -0.77
N SER B 88 12.22 3.33 0.07
CA SER B 88 11.48 2.08 0.09
C SER B 88 10.07 2.25 0.65
N ASP B 89 9.25 1.22 0.44
CA ASP B 89 7.97 1.06 1.13
C ASP B 89 8.06 -0.19 1.99
N PRO B 90 8.01 -0.03 3.33
CA PRO B 90 8.12 -1.19 4.24
C PRO B 90 6.92 -2.14 4.15
N GLY B 91 5.85 -1.71 3.50
CA GLY B 91 4.62 -2.49 3.42
C GLY B 91 3.88 -2.46 4.73
N GLY B 92 3.24 -3.58 5.08
CA GLY B 92 2.43 -3.67 6.29
C GLY B 92 0.96 -3.37 6.04
N ARG B 93 0.39 -2.50 6.86
CA ARG B 93 -1.05 -2.20 6.78
C ARG B 93 -1.42 -1.45 5.50
N ARG B 94 -2.53 -1.83 4.89
CA ARG B 94 -3.09 -1.10 3.75
C ARG B 94 -3.84 0.14 4.26
N HIS B 95 -3.99 1.14 3.40
CA HIS B 95 -4.78 2.33 3.73
C HIS B 95 -6.23 2.15 3.34
N TRP B 96 -6.93 1.34 4.13
CA TRP B 96 -8.35 1.01 3.92
C TRP B 96 -9.24 2.23 3.97
N GLN B 97 -10.28 2.23 3.14
CA GLN B 97 -11.22 3.34 3.05
C GLN B 97 -12.65 2.82 2.95
N TRP B 98 -13.56 3.46 3.68
CA TRP B 98 -14.98 3.18 3.53
C TRP B 98 -15.50 3.85 2.30
N VAL B 99 -16.49 3.26 1.65
CA VAL B 99 -16.92 3.73 0.35
C VAL B 99 -17.60 5.11 0.38
N ASP B 100 -18.17 5.48 1.54
CA ASP B 100 -18.85 6.77 1.68
C ASP B 100 -17.97 7.84 2.33
N GLN B 101 -16.67 7.53 2.44
CA GLN B 101 -15.67 8.44 3.03
C GLN B 101 -15.77 8.60 4.55
N THR B 102 -16.50 7.70 5.21
CA THR B 102 -16.42 7.56 6.67
C THR B 102 -14.97 7.23 7.01
N PRO B 103 -14.37 7.98 7.96
CA PRO B 103 -12.99 7.68 8.34
C PRO B 103 -12.83 6.23 8.79
N TYR B 104 -11.82 5.55 8.23
CA TYR B 104 -11.50 4.20 8.66
C TYR B 104 -10.69 4.27 9.95
N ASN B 105 -11.18 3.61 11.00
CA ASN B 105 -10.45 3.52 12.27
C ASN B 105 -10.09 2.08 12.60
N GLU B 106 -8.79 1.78 12.49
CA GLU B 106 -8.24 0.44 12.77
C GLU B 106 -8.71 -0.16 14.10
N ASN B 107 -8.88 0.69 15.13
CA ASN B 107 -9.21 0.22 16.47
C ASN B 107 -10.64 -0.27 16.67
N VAL B 108 -11.53 0.00 15.72
CA VAL B 108 -12.92 -0.45 15.79
C VAL B 108 -13.32 -1.33 14.61
N THR B 109 -12.46 -2.30 14.27
CA THR B 109 -12.69 -3.20 13.15
C THR B 109 -13.02 -4.61 13.64
N PHE B 110 -13.41 -5.48 12.71
CA PHE B 110 -13.76 -6.86 13.04
C PHE B 110 -13.01 -7.89 12.17
N TRP B 111 -11.77 -7.59 11.80
CA TRP B 111 -10.96 -8.52 11.02
C TRP B 111 -10.80 -9.84 11.72
N HIS B 112 -10.93 -10.93 10.95
CA HIS B 112 -10.62 -12.26 11.47
C HIS B 112 -9.20 -12.29 11.97
N SER B 113 -8.89 -13.26 12.84
CA SER B 113 -7.53 -13.40 13.38
C SER B 113 -6.51 -13.54 12.25
N GLY B 114 -5.47 -12.71 12.32
CA GLY B 114 -4.41 -12.73 11.31
C GLY B 114 -4.75 -12.04 10.01
N GLU B 115 -5.86 -11.29 10.02
CA GLU B 115 -6.29 -10.55 8.84
C GLU B 115 -6.28 -9.05 9.12
N PRO B 116 -6.14 -8.22 8.05
CA PRO B 116 -5.93 -8.59 6.65
C PRO B 116 -4.47 -8.87 6.32
N ASN B 117 -4.23 -9.42 5.13
CA ASN B 117 -2.87 -9.71 4.66
C ASN B 117 -2.00 -8.45 4.69
N ASN B 118 -0.75 -8.60 5.08
CA ASN B 118 0.18 -7.48 5.00
C ASN B 118 0.57 -7.19 3.56
N LEU B 119 0.66 -5.89 3.25
CA LEU B 119 1.19 -5.42 1.98
C LEU B 119 2.67 -5.75 1.91
N ASP B 120 3.13 -6.23 0.75
CA ASP B 120 4.54 -6.58 0.58
C ASP B 120 5.42 -5.33 0.44
N GLU B 121 6.67 -5.46 0.89
CA GLU B 121 7.69 -4.40 0.78
C GLU B 121 8.04 -4.09 -0.68
N ARG B 122 8.59 -2.91 -0.91
CA ARG B 122 9.11 -2.55 -2.23
C ARG B 122 10.26 -1.55 -2.07
N CYS B 123 11.21 -1.59 -3.01
CA CYS B 123 12.43 -0.79 -2.90
C CYS B 123 12.71 -0.03 -4.21
N ALA B 124 13.55 1.00 -4.15
CA ALA B 124 13.80 1.81 -5.34
C ALA B 124 15.26 1.68 -5.79
N ILE B 125 15.47 1.73 -7.10
CA ILE B 125 16.81 1.72 -7.67
C ILE B 125 16.98 2.90 -8.62
N ILE B 126 18.24 3.32 -8.81
CA ILE B 126 18.57 4.25 -9.86
C ILE B 126 19.34 3.51 -10.95
N ASN B 127 18.93 3.71 -12.22
CA ASN B 127 19.65 3.14 -13.35
C ASN B 127 19.41 3.93 -14.64
N PHE B 128 20.11 3.53 -15.69
CA PHE B 128 20.13 4.26 -16.95
C PHE B 128 19.29 3.57 -18.02
N ARG B 129 18.40 4.33 -18.65
CA ARG B 129 17.69 3.89 -19.84
C ARG B 129 18.18 4.71 -21.04
N SER B 130 18.39 4.04 -22.17
CA SER B 130 18.94 4.68 -23.37
C SER B 130 18.05 5.79 -23.94
N GLU B 133 16.88 9.35 -19.48
CA GLU B 133 18.19 8.70 -19.35
C GLU B 133 18.35 8.07 -17.95
N TRP B 134 18.94 8.81 -17.01
CA TRP B 134 19.00 8.37 -15.60
C TRP B 134 17.70 8.61 -14.90
N GLY B 135 17.30 7.66 -14.05
CA GLY B 135 16.04 7.78 -13.30
C GLY B 135 15.80 6.61 -12.34
N TRP B 136 14.70 6.68 -11.60
CA TRP B 136 14.42 5.67 -10.59
C TRP B 136 13.39 4.66 -11.03
N ASN B 137 13.53 3.44 -10.51
CA ASN B 137 12.56 2.38 -10.74
C ASN B 137 12.28 1.63 -9.44
N ASP B 138 11.09 1.04 -9.32
CA ASP B 138 10.78 0.22 -8.15
C ASP B 138 11.12 -1.24 -8.43
N ILE B 139 11.40 -1.99 -7.36
CA ILE B 139 11.93 -3.34 -7.50
C ILE B 139 11.72 -4.15 -6.20
N HIS B 140 11.71 -5.48 -6.31
CA HIS B 140 11.67 -6.36 -5.14
C HIS B 140 12.88 -6.10 -4.27
N CYS B 141 12.68 -6.04 -2.96
CA CYS B 141 13.77 -5.68 -2.04
C CYS B 141 14.85 -6.76 -1.90
N HIS B 142 14.52 -8.00 -2.24
CA HIS B 142 15.47 -9.10 -2.04
C HIS B 142 16.38 -9.40 -3.20
N VAL B 143 16.21 -8.70 -4.32
CA VAL B 143 17.10 -8.91 -5.46
C VAL B 143 18.47 -8.26 -5.18
N PRO B 144 19.56 -8.90 -5.64
CA PRO B 144 20.88 -8.29 -5.46
C PRO B 144 21.08 -7.14 -6.45
N GLN B 145 21.40 -5.96 -5.92
CA GLN B 145 21.77 -4.82 -6.74
C GLN B 145 23.02 -4.18 -6.13
N LYS B 146 23.70 -3.35 -6.89
CA LYS B 146 24.74 -2.50 -6.31
C LYS B 146 24.04 -1.44 -5.46
N SER B 147 24.80 -0.58 -4.80
CA SER B 147 24.18 0.40 -3.90
C SER B 147 25.04 1.63 -3.75
N ILE B 148 24.42 2.68 -3.23
CA ILE B 148 25.10 3.94 -2.99
C ILE B 148 24.91 4.28 -1.51
N CYS B 149 26.02 4.56 -0.83
CA CYS B 149 25.98 4.98 0.57
C CYS B 149 26.30 6.46 0.67
N LYS B 150 25.67 7.12 1.63
CA LYS B 150 25.95 8.52 1.94
C LYS B 150 26.27 8.66 3.42
N MET B 151 27.41 9.29 3.68
CA MET B 151 27.91 9.52 5.02
C MET B 151 27.92 11.04 5.24
N LYS B 152 27.22 11.49 6.27
CA LYS B 152 27.17 12.91 6.60
C LYS B 152 28.51 13.38 7.17
N LYS B 153 29.08 14.41 6.54
CA LYS B 153 30.43 14.88 6.83
C LYS B 153 30.43 16.16 7.66
C1 EDO C . -29.10 -8.95 -6.68
O1 EDO C . -29.31 -7.53 -6.61
C2 EDO C . -29.86 -9.64 -5.56
O2 EDO C . -31.12 -10.11 -6.05
C1 EDO D . 31.29 -3.52 -2.05
O1 EDO D . 32.09 -2.51 -2.70
C2 EDO D . 31.65 -3.58 -0.58
O2 EDO D . 30.80 -2.70 0.16
#